data_1JCP
#
_entry.id   1JCP
#
_cell.length_a   ?
_cell.length_b   ?
_cell.length_c   ?
_cell.angle_alpha   ?
_cell.angle_beta   ?
_cell.angle_gamma   ?
#
_entity_poly.entity_id   1
_entity_poly.type   'polypeptide(L)'
_entity_poly.pdbx_seq_one_letter_code
;(ACE)IWGESGKLI(SET)TTA
;
_entity_poly.pdbx_strand_id   A
#
# COMPACT_ATOMS: atom_id res chain seq x y z
N ILE A 2 -1.55 -3.09 6.61
CA ILE A 2 -1.66 -2.55 5.23
C ILE A 2 -2.88 -3.17 4.50
N TRP A 3 -3.64 -2.29 3.81
CA TRP A 3 -4.87 -2.70 3.08
C TRP A 3 -4.81 -2.03 1.66
N GLY A 4 -4.68 -2.87 0.62
CA GLY A 4 -4.59 -2.40 -0.78
C GLY A 4 -3.14 -2.16 -1.25
N GLU A 5 -2.32 -3.22 -1.43
CA GLU A 5 -0.91 -3.09 -1.87
C GLU A 5 -0.59 -4.26 -2.83
N SER A 6 -0.81 -4.04 -4.13
CA SER A 6 -0.55 -5.05 -5.20
C SER A 6 -0.19 -4.27 -6.50
N GLY A 7 1.11 -4.17 -6.79
CA GLY A 7 1.62 -3.45 -7.99
C GLY A 7 2.15 -2.05 -7.68
N LYS A 8 1.25 -1.09 -7.39
CA LYS A 8 1.63 0.31 -7.05
C LYS A 8 2.28 0.38 -5.62
N LEU A 9 3.43 1.08 -5.52
CA LEU A 9 4.18 1.23 -4.25
C LEU A 9 3.55 2.35 -3.36
N ILE A 10 2.56 1.95 -2.55
CA ILE A 10 1.83 2.84 -1.61
C ILE A 10 1.55 2.00 -0.31
N THR A 12 1.88 2.60 3.19
CA THR A 12 1.93 3.46 4.42
C THR A 12 0.47 3.47 4.98
N THR A 13 -0.02 2.35 5.57
CA THR A 13 -1.40 2.25 6.11
C THR A 13 -1.33 1.36 7.40
N ALA A 14 -1.85 1.90 8.52
CA ALA A 14 -1.86 1.19 9.83
C ALA A 14 -3.28 0.68 10.15
N ILE A 2 -0.91 -3.11 5.51
CA ILE A 2 -0.68 -3.36 4.05
C ILE A 2 -2.05 -3.66 3.39
N TRP A 3 -2.58 -2.70 2.59
CA TRP A 3 -3.90 -2.85 1.91
C TRP A 3 -3.69 -2.39 0.45
N GLY A 4 -3.69 -3.36 -0.49
CA GLY A 4 -3.49 -3.09 -1.94
C GLY A 4 -2.03 -2.75 -2.33
N GLU A 5 -1.06 -3.67 -2.06
CA GLU A 5 0.39 -3.43 -2.38
C GLU A 5 0.83 -4.37 -3.53
N SER A 6 0.41 -4.02 -4.75
CA SER A 6 0.74 -4.76 -6.00
C SER A 6 0.60 -3.71 -7.14
N GLY A 7 1.72 -3.03 -7.45
CA GLY A 7 1.74 -1.96 -8.48
C GLY A 7 1.87 -0.58 -7.81
N LYS A 8 0.78 -0.09 -7.18
CA LYS A 8 0.77 1.20 -6.45
C LYS A 8 1.43 0.97 -5.06
N LEU A 9 2.55 1.69 -4.79
CA LEU A 9 3.32 1.55 -3.52
C LEU A 9 2.70 2.41 -2.37
N ILE A 10 1.74 1.80 -1.65
CA ILE A 10 1.06 2.42 -0.48
C ILE A 10 1.00 1.32 0.65
N THR A 12 2.49 1.51 3.97
CA THR A 12 2.34 2.04 5.36
C THR A 12 1.00 2.86 5.39
N THR A 13 -0.18 2.19 5.42
CA THR A 13 -1.51 2.86 5.43
C THR A 13 -2.26 2.45 6.74
N ALA A 14 -2.64 3.45 7.55
CA ALA A 14 -3.36 3.23 8.83
C ALA A 14 -4.64 4.08 8.84
N ILE A 2 0.47 -3.94 6.71
CA ILE A 2 0.41 -3.45 5.30
C ILE A 2 -1.07 -3.34 4.83
N TRP A 3 -1.52 -2.11 4.53
CA TRP A 3 -2.92 -1.83 4.12
C TRP A 3 -2.93 -0.81 2.96
N GLY A 4 -3.38 -1.25 1.77
CA GLY A 4 -3.47 -0.39 0.56
C GLY A 4 -2.58 -0.88 -0.61
N GLU A 5 -2.83 -2.09 -1.17
CA GLU A 5 -2.02 -2.63 -2.30
C GLU A 5 -2.89 -2.83 -3.57
N SER A 6 -2.58 -2.05 -4.63
CA SER A 6 -3.28 -2.17 -5.93
C SER A 6 -2.40 -1.46 -7.01
N GLY A 7 -1.46 -2.22 -7.63
CA GLY A 7 -0.55 -1.67 -8.66
C GLY A 7 0.72 -1.03 -8.07
N LYS A 8 0.58 0.21 -7.57
CA LYS A 8 1.68 0.96 -6.93
C LYS A 8 1.88 0.46 -5.46
N LEU A 9 3.14 0.23 -5.07
CA LEU A 9 3.48 -0.26 -3.71
C LEU A 9 3.51 0.89 -2.65
N ILE A 10 2.31 1.23 -2.15
CA ILE A 10 2.08 2.27 -1.11
C ILE A 10 1.08 1.67 -0.06
N THR A 12 0.51 1.56 3.45
CA THR A 12 0.70 2.10 4.81
C THR A 12 -0.64 1.93 5.59
N THR A 13 -1.62 2.86 5.42
CA THR A 13 -2.93 2.80 6.10
C THR A 13 -4.01 3.27 5.07
N ALA A 14 -4.90 2.36 4.67
CA ALA A 14 -5.98 2.65 3.70
C ALA A 14 -7.26 3.11 4.43
N ILE A 2 0.87 -3.94 6.70
CA ILE A 2 0.75 -3.43 5.30
C ILE A 2 -0.74 -3.45 4.86
N TRP A 3 -1.30 -2.27 4.58
CA TRP A 3 -2.73 -2.11 4.18
C TRP A 3 -2.84 -1.08 3.02
N GLY A 4 -3.27 -1.55 1.84
CA GLY A 4 -3.46 -0.71 0.64
C GLY A 4 -2.55 -1.09 -0.55
N GLU A 5 -2.69 -2.32 -1.12
CA GLU A 5 -1.86 -2.78 -2.25
C GLU A 5 -2.73 -3.06 -3.51
N SER A 6 -2.51 -2.27 -4.57
CA SER A 6 -3.21 -2.44 -5.86
C SER A 6 -2.43 -1.66 -6.95
N GLY A 7 -1.43 -2.31 -7.59
CA GLY A 7 -0.60 -1.67 -8.64
C GLY A 7 0.61 -0.91 -8.06
N LYS A 8 0.36 0.30 -7.54
CA LYS A 8 1.40 1.16 -6.92
C LYS A 8 1.66 0.67 -5.46
N LEU A 9 2.94 0.54 -5.08
CA LEU A 9 3.34 0.08 -3.73
C LEU A 9 3.28 1.22 -2.67
N ILE A 10 2.07 1.47 -2.14
CA ILE A 10 1.79 2.48 -1.09
C ILE A 10 0.86 1.79 -0.03
N THR A 12 0.39 1.63 3.49
CA THR A 12 0.55 2.18 4.86
C THR A 12 -0.76 1.87 5.64
N THR A 13 -1.79 2.72 5.56
CA THR A 13 -3.09 2.50 6.26
C THR A 13 -4.22 2.95 5.28
N ALA A 14 -4.76 1.99 4.52
CA ALA A 14 -5.84 2.25 3.54
C ALA A 14 -6.63 0.94 3.33
N ILE A 2 -4.70 -7.19 -3.31
CA ILE A 2 -3.33 -6.94 -3.86
C ILE A 2 -2.92 -5.45 -3.60
N TRP A 3 -1.72 -5.27 -3.02
CA TRP A 3 -1.19 -3.94 -2.66
C TRP A 3 0.33 -3.90 -3.02
N GLY A 4 0.71 -2.98 -3.93
CA GLY A 4 2.11 -2.81 -4.36
C GLY A 4 2.92 -1.98 -3.33
N GLU A 5 3.59 -2.63 -2.35
CA GLU A 5 4.37 -1.92 -1.30
C GLU A 5 5.77 -1.45 -1.79
N SER A 6 5.90 -0.13 -2.01
CA SER A 6 7.17 0.51 -2.44
C SER A 6 7.02 2.00 -2.08
N GLY A 7 7.53 2.41 -0.90
CA GLY A 7 7.45 3.82 -0.44
C GLY A 7 6.36 4.07 0.62
N LYS A 8 5.08 3.77 0.31
CA LYS A 8 3.94 3.98 1.24
C LYS A 8 3.98 3.07 2.49
N LEU A 9 3.94 3.70 3.68
CA LEU A 9 3.97 3.00 5.00
C LEU A 9 2.70 2.23 5.49
N ILE A 10 1.59 2.22 4.73
CA ILE A 10 0.33 1.52 5.08
C ILE A 10 -0.13 0.82 3.76
N THR A 12 -2.84 -0.32 2.06
CA THR A 12 -4.32 -0.28 1.89
C THR A 12 -4.56 0.62 0.65
N THR A 13 -4.50 1.97 0.79
CA THR A 13 -4.69 2.93 -0.33
C THR A 13 -3.39 3.78 -0.49
N ALA A 14 -3.09 4.69 0.47
CA ALA A 14 -1.88 5.55 0.42
C ALA A 14 -1.31 5.75 1.84
N ILE A 2 -5.45 -6.67 -3.08
CA ILE A 2 -4.20 -6.43 -3.85
C ILE A 2 -3.67 -4.99 -3.57
N TRP A 3 -2.39 -4.90 -3.16
CA TRP A 3 -1.74 -3.61 -2.81
C TRP A 3 -0.29 -3.61 -3.37
N GLY A 4 0.01 -2.67 -4.27
CA GLY A 4 1.36 -2.53 -4.87
C GLY A 4 2.34 -1.80 -3.92
N GLU A 5 3.07 -2.53 -3.04
CA GLU A 5 4.01 -1.90 -2.08
C GLU A 5 5.36 -1.47 -2.71
N SER A 6 5.54 -0.14 -2.82
CA SER A 6 6.77 0.47 -3.36
C SER A 6 6.77 1.94 -2.85
N GLY A 7 7.46 2.20 -1.73
CA GLY A 7 7.52 3.55 -1.12
C GLY A 7 6.58 3.75 0.09
N LYS A 8 5.27 3.53 -0.09
CA LYS A 8 4.25 3.69 0.98
C LYS A 8 4.39 2.64 2.14
N LEU A 9 4.59 3.16 3.36
CA LEU A 9 4.74 2.32 4.60
C LEU A 9 3.48 1.60 5.19
N ILE A 10 2.28 1.81 4.64
CA ILE A 10 1.01 1.17 5.08
C ILE A 10 0.33 0.65 3.78
N THR A 12 -2.65 -0.22 2.36
CA THR A 12 -4.14 -0.14 2.43
C THR A 12 -4.60 0.82 1.28
N THR A 13 -4.47 2.16 1.46
CA THR A 13 -4.87 3.16 0.43
C THR A 13 -3.67 4.13 0.17
N ALA A 14 -3.37 5.07 1.10
CA ALA A 14 -2.26 6.04 0.95
C ALA A 14 -0.85 5.44 1.18
N ILE A 2 -5.67 -5.69 -3.88
CA ILE A 2 -4.47 -5.37 -4.71
C ILE A 2 -3.97 -3.96 -4.32
N TRP A 3 -2.69 -3.86 -3.90
CA TRP A 3 -2.07 -2.59 -3.45
C TRP A 3 -0.63 -2.49 -4.00
N GLY A 4 -0.37 -1.43 -4.79
CA GLY A 4 0.97 -1.17 -5.36
C GLY A 4 1.90 -0.49 -4.33
N GLU A 5 2.60 -1.26 -3.47
CA GLU A 5 3.48 -0.69 -2.41
C GLU A 5 4.81 -0.09 -2.95
N SER A 6 5.01 1.21 -2.67
CA SER A 6 6.23 1.96 -3.08
C SER A 6 6.39 3.14 -2.08
N GLY A 7 7.32 2.99 -1.11
CA GLY A 7 7.59 4.03 -0.09
C GLY A 7 6.96 3.75 1.29
N LYS A 8 5.62 3.82 1.38
CA LYS A 8 4.87 3.60 2.65
C LYS A 8 4.89 2.12 3.15
N LEU A 9 5.22 1.93 4.44
CA LEU A 9 5.28 0.59 5.09
C LEU A 9 3.95 -0.11 5.52
N ILE A 10 2.77 0.51 5.31
CA ILE A 10 1.44 -0.05 5.67
C ILE A 10 0.58 0.08 4.37
N THR A 12 -2.67 0.15 3.15
CA THR A 12 -4.14 0.35 3.38
C THR A 12 -4.87 0.62 2.02
N THR A 13 -4.50 1.68 1.28
CA THR A 13 -5.10 2.03 -0.03
C THR A 13 -3.95 2.49 -0.99
N ALA A 14 -3.79 1.80 -2.13
CA ALA A 14 -2.75 2.12 -3.14
C ALA A 14 -3.26 1.66 -4.52
N ILE A 2 -10.45 -4.75 -2.73
CA ILE A 2 -9.67 -3.59 -3.24
C ILE A 2 -8.18 -3.77 -2.76
N TRP A 3 -7.22 -3.42 -3.65
CA TRP A 3 -5.77 -3.54 -3.36
C TRP A 3 -5.22 -2.28 -2.60
N GLY A 4 -5.06 -2.43 -1.28
CA GLY A 4 -4.54 -1.35 -0.39
C GLY A 4 -3.07 -0.94 -0.61
N GLU A 5 -2.11 -1.90 -0.47
CA GLU A 5 -0.67 -1.62 -0.66
C GLU A 5 -0.21 -2.32 -1.98
N SER A 6 -0.27 -1.56 -3.08
CA SER A 6 0.13 -2.05 -4.43
C SER A 6 0.98 -0.94 -5.11
N GLY A 7 2.31 -1.16 -5.18
CA GLY A 7 3.25 -0.18 -5.78
C GLY A 7 3.94 0.71 -4.73
N LYS A 8 3.17 1.59 -4.07
CA LYS A 8 3.70 2.51 -3.03
C LYS A 8 4.19 1.81 -1.73
N LEU A 9 5.23 2.38 -1.10
CA LEU A 9 5.83 1.84 0.16
C LEU A 9 5.30 2.46 1.50
N ILE A 10 3.99 2.77 1.59
CA ILE A 10 3.37 3.35 2.82
C ILE A 10 2.66 2.16 3.52
N THR A 12 3.14 1.08 7.28
CA THR A 12 3.57 1.10 8.71
C THR A 12 2.75 0.09 9.58
N THR A 13 1.41 0.26 9.67
CA THR A 13 0.53 -0.66 10.46
C THR A 13 -0.12 -1.65 9.44
N ALA A 14 0.58 -2.76 9.15
CA ALA A 14 0.11 -3.79 8.18
C ALA A 14 0.60 -5.18 8.63
N ILE A 2 -6.93 0.49 -2.02
CA ILE A 2 -5.80 -0.45 -2.35
C ILE A 2 -5.68 -1.50 -1.20
N TRP A 3 -5.30 -2.70 -1.65
CA TRP A 3 -5.11 -3.92 -0.83
C TRP A 3 -3.61 -4.12 -0.48
N GLY A 4 -3.24 -3.68 0.73
CA GLY A 4 -1.87 -3.79 1.27
C GLY A 4 -0.83 -2.82 0.66
N GLU A 5 -0.07 -3.25 -0.39
CA GLU A 5 0.95 -2.40 -1.05
C GLU A 5 0.99 -2.74 -2.56
N SER A 6 0.06 -2.14 -3.32
CA SER A 6 -0.06 -2.32 -4.80
C SER A 6 -0.62 -0.97 -5.36
N GLY A 7 0.26 0.06 -5.41
CA GLY A 7 -0.11 1.42 -5.86
C GLY A 7 0.35 2.44 -4.80
N LYS A 8 -0.30 2.42 -3.60
CA LYS A 8 0.07 3.33 -2.47
C LYS A 8 1.39 2.86 -1.77
N LEU A 9 2.25 3.82 -1.38
CA LEU A 9 3.54 3.52 -0.70
C LEU A 9 3.47 3.33 0.86
N ILE A 10 2.52 2.50 1.34
CA ILE A 10 2.33 2.20 2.79
C ILE A 10 2.90 0.76 2.96
N THR A 12 4.78 -0.73 5.77
CA THR A 12 5.20 -0.95 7.19
C THR A 12 4.22 -2.02 7.74
N THR A 13 2.98 -1.65 8.10
CA THR A 13 1.94 -2.61 8.59
C THR A 13 0.73 -2.64 7.59
N ALA A 14 1.00 -3.00 6.31
CA ALA A 14 -0.03 -3.08 5.25
C ALA A 14 0.54 -3.87 4.06
N ILE A 2 1.07 3.99 6.13
CA ILE A 2 -0.19 3.33 5.68
C ILE A 2 -0.32 3.41 4.12
N TRP A 3 -0.91 2.36 3.55
CA TRP A 3 -1.14 2.24 2.08
C TRP A 3 -2.52 2.85 1.70
N GLY A 4 -2.50 4.10 1.24
CA GLY A 4 -3.73 4.83 0.82
C GLY A 4 -4.06 4.64 -0.69
N GLU A 5 -4.41 3.40 -1.11
CA GLU A 5 -4.74 3.08 -2.52
C GLU A 5 -5.68 1.84 -2.53
N SER A 6 -6.87 1.96 -3.17
CA SER A 6 -7.85 0.85 -3.26
C SER A 6 -7.46 -0.10 -4.44
N GLY A 7 -6.82 -1.22 -4.10
CA GLY A 7 -6.35 -2.22 -5.08
C GLY A 7 -5.22 -3.06 -4.46
N LYS A 8 -3.97 -2.56 -4.56
CA LYS A 8 -2.78 -3.24 -3.99
C LYS A 8 -2.55 -2.83 -2.50
N LEU A 9 -2.29 -3.82 -1.63
CA LEU A 9 -2.00 -3.57 -0.19
C LEU A 9 -0.44 -3.59 0.06
N ILE A 10 0.31 -2.75 -0.69
CA ILE A 10 1.78 -2.63 -0.60
C ILE A 10 2.14 -1.32 -1.38
N THR A 12 3.77 2.03 0.54
CA THR A 12 4.98 2.67 1.14
C THR A 12 5.71 1.64 2.07
N THR A 13 5.23 1.42 3.31
CA THR A 13 5.86 0.46 4.27
C THR A 13 5.16 -0.92 4.09
N ALA A 14 5.94 -1.93 3.64
CA ALA A 14 5.42 -3.29 3.41
C ALA A 14 5.14 -4.10 4.71
N ILE A 2 1.86 2.41 6.62
CA ILE A 2 0.66 2.70 5.79
C ILE A 2 1.05 2.63 4.28
N TRP A 3 0.04 2.31 3.47
CA TRP A 3 0.13 2.18 2.00
C TRP A 3 -0.98 3.12 1.44
N GLY A 4 -0.61 4.09 0.59
CA GLY A 4 -1.56 5.07 0.01
C GLY A 4 -2.44 4.64 -1.20
N GLU A 5 -3.31 3.63 -1.04
CA GLU A 5 -4.22 3.13 -2.11
C GLU A 5 -5.20 2.11 -1.46
N SER A 6 -6.53 2.32 -1.60
CA SER A 6 -7.55 1.39 -1.05
C SER A 6 -7.80 0.23 -2.05
N GLY A 7 -7.18 -0.93 -1.75
CA GLY A 7 -7.30 -2.14 -2.60
C GLY A 7 -6.10 -3.06 -2.33
N LYS A 8 -4.96 -2.79 -2.99
CA LYS A 8 -3.71 -3.58 -2.80
C LYS A 8 -2.90 -3.08 -1.57
N LEU A 9 -2.30 -4.02 -0.82
CA LEU A 9 -1.48 -3.68 0.38
C LEU A 9 0.05 -3.55 0.02
N ILE A 10 0.39 -2.79 -1.04
CA ILE A 10 1.79 -2.59 -1.52
C ILE A 10 1.86 -1.25 -2.32
N THR A 12 3.62 2.28 -0.42
CA THR A 12 4.83 2.98 0.10
C THR A 12 5.46 2.07 1.20
N THR A 13 4.92 2.04 2.44
CA THR A 13 5.44 1.17 3.53
C THR A 13 4.44 -0.03 3.64
N ALA A 14 4.79 -1.16 3.00
CA ALA A 14 3.95 -2.39 2.99
C ALA A 14 4.00 -3.19 4.32
N ILE A 2 0.55 4.99 6.06
CA ILE A 2 -0.57 4.14 5.57
C ILE A 2 -0.55 4.08 4.00
N TRP A 3 -0.99 2.94 3.46
CA TRP A 3 -1.09 2.69 2.00
C TRP A 3 -2.37 3.34 1.40
N GLY A 4 -2.20 4.54 0.82
CA GLY A 4 -3.30 5.30 0.20
C GLY A 4 -3.56 4.96 -1.30
N GLU A 5 -4.04 3.73 -1.59
CA GLU A 5 -4.32 3.28 -2.97
C GLU A 5 -5.42 2.18 -2.92
N SER A 6 -6.54 2.39 -3.64
CA SER A 6 -7.66 1.40 -3.68
C SER A 6 -7.36 0.29 -4.72
N GLY A 7 -6.84 -0.84 -4.22
CA GLY A 7 -6.48 -2.01 -5.05
C GLY A 7 -5.51 -2.90 -4.27
N LYS A 8 -4.20 -2.59 -4.32
CA LYS A 8 -3.16 -3.36 -3.59
C LYS A 8 -2.94 -2.78 -2.16
N LEU A 9 -2.90 -3.66 -1.14
CA LEU A 9 -2.66 -3.24 0.27
C LEU A 9 -1.15 -3.45 0.63
N ILE A 10 -0.24 -2.83 -0.16
CA ILE A 10 1.23 -2.91 0.03
C ILE A 10 1.84 -1.75 -0.83
N THR A 12 3.58 1.63 0.99
CA THR A 12 4.77 2.16 1.73
C THR A 12 5.33 1.11 2.74
N THR A 13 5.72 -0.10 2.25
CA THR A 13 6.27 -1.20 3.10
C THR A 13 7.42 -1.86 2.29
N ALA A 14 8.67 -1.68 2.75
CA ALA A 14 9.86 -2.25 2.09
C ALA A 14 10.14 -3.71 2.52
N ILE A 2 -0.41 -2.49 -6.51
CA ILE A 2 1.02 -2.38 -6.12
C ILE A 2 1.50 -3.72 -5.48
N TRP A 3 2.83 -3.98 -5.48
CA TRP A 3 3.44 -5.23 -4.92
C TRP A 3 3.03 -5.77 -3.51
N GLY A 4 2.83 -4.84 -2.57
CA GLY A 4 2.44 -5.16 -1.18
C GLY A 4 2.15 -3.86 -0.41
N GLU A 5 3.19 -3.07 -0.04
CA GLU A 5 2.99 -1.79 0.68
C GLU A 5 4.11 -0.81 0.25
N SER A 6 3.74 0.21 -0.56
CA SER A 6 4.69 1.22 -1.08
C SER A 6 4.09 2.65 -0.90
N GLY A 7 4.70 3.45 -0.01
CA GLY A 7 4.25 4.84 0.24
C GLY A 7 3.22 5.01 1.38
N LYS A 8 1.98 4.54 1.16
CA LYS A 8 0.88 4.65 2.15
C LYS A 8 1.06 3.80 3.44
N LEU A 9 0.83 4.43 4.61
CA LEU A 9 0.93 3.77 5.95
C LEU A 9 -0.25 2.80 6.29
N ILE A 10 -1.47 3.05 5.78
CA ILE A 10 -2.66 2.20 5.99
C ILE A 10 -2.84 1.42 4.64
N THR A 12 -4.91 -0.36 2.52
CA THR A 12 -6.29 -0.72 2.13
C THR A 12 -6.33 -1.69 0.90
N THR A 13 -5.80 -1.28 -0.26
CA THR A 13 -5.74 -2.11 -1.50
C THR A 13 -4.24 -2.41 -1.78
N ALA A 14 -3.80 -3.64 -1.47
CA ALA A 14 -2.38 -4.07 -1.67
C ALA A 14 -2.15 -4.57 -3.13
N ILE A 2 -1.20 -2.91 -5.21
CA ILE A 2 0.26 -2.61 -5.29
C ILE A 2 1.11 -3.83 -4.81
N TRP A 3 2.40 -3.89 -5.18
CA TRP A 3 3.34 -5.00 -4.78
C TRP A 3 3.38 -5.47 -3.29
N GLY A 4 3.28 -4.50 -2.38
CA GLY A 4 3.30 -4.74 -0.92
C GLY A 4 2.93 -3.41 -0.23
N GLU A 5 3.91 -2.49 0.03
CA GLU A 5 3.61 -1.20 0.68
C GLU A 5 4.64 -0.13 0.20
N SER A 6 4.12 0.92 -0.47
CA SER A 6 4.96 2.02 -1.01
C SER A 6 4.11 3.33 -0.99
N GLY A 7 4.48 4.28 -0.12
CA GLY A 7 3.75 5.58 0.01
C GLY A 7 2.68 5.62 1.10
N LYS A 8 1.56 4.91 0.89
CA LYS A 8 0.42 4.86 1.85
C LYS A 8 0.73 4.06 3.16
N LEU A 9 0.41 4.68 4.32
CA LEU A 9 0.61 4.05 5.66
C LEU A 9 -0.40 2.91 6.02
N ILE A 10 -1.64 2.96 5.49
CA ILE A 10 -2.68 1.93 5.72
C ILE A 10 -2.75 1.13 4.38
N THR A 12 -4.55 -0.93 2.32
CA THR A 12 -5.89 -1.49 1.98
C THR A 12 -5.86 -2.45 0.74
N THR A 13 -5.55 -1.92 -0.47
CA THR A 13 -5.47 -2.74 -1.72
C THR A 13 -3.96 -3.01 -2.02
N ALA A 14 -3.50 -4.23 -1.69
CA ALA A 14 -2.10 -4.66 -1.91
C ALA A 14 -2.09 -6.08 -2.51
N ILE A 2 8.91 2.19 -4.50
CA ILE A 2 7.77 1.72 -3.65
C ILE A 2 7.04 0.58 -4.42
N TRP A 3 6.56 -0.45 -3.67
CA TRP A 3 5.83 -1.61 -4.25
C TRP A 3 4.53 -1.34 -5.09
N GLY A 4 3.70 -0.44 -4.57
CA GLY A 4 2.41 -0.04 -5.18
C GLY A 4 1.44 0.31 -4.03
N GLU A 5 1.63 1.46 -3.35
CA GLU A 5 0.77 1.87 -2.21
C GLU A 5 0.63 3.42 -2.21
N SER A 6 -0.44 3.93 -2.82
CA SER A 6 -0.72 5.39 -2.92
C SER A 6 -2.25 5.61 -2.84
N GLY A 7 -2.76 5.99 -1.66
CA GLY A 7 -4.20 6.25 -1.45
C GLY A 7 -4.62 5.89 0.00
N LYS A 8 -5.25 4.71 0.17
CA LYS A 8 -5.69 4.22 1.50
C LYS A 8 -4.53 3.42 2.16
N LEU A 9 -4.23 3.72 3.44
CA LEU A 9 -3.11 3.07 4.19
C LEU A 9 -3.57 1.71 4.83
N ILE A 10 -3.64 0.66 4.01
CA ILE A 10 -3.99 -0.73 4.42
C ILE A 10 -3.04 -1.71 3.64
N THR A 12 -1.14 -4.70 4.12
CA THR A 12 -0.84 -5.97 4.86
C THR A 12 0.22 -6.91 4.20
N THR A 13 0.30 -6.98 2.86
CA THR A 13 1.28 -7.82 2.12
C THR A 13 1.73 -7.07 0.83
N ALA A 14 3.06 -7.07 0.57
CA ALA A 14 3.63 -6.39 -0.62
C ALA A 14 3.56 -7.29 -1.88
N ILE A 2 8.72 2.75 -4.66
CA ILE A 2 7.63 2.23 -3.78
C ILE A 2 6.91 1.05 -4.52
N TRP A 3 6.52 0.02 -3.76
CA TRP A 3 5.81 -1.18 -4.31
C TRP A 3 4.48 -0.97 -5.09
N GLY A 4 3.62 -0.11 -4.54
CA GLY A 4 2.29 0.22 -5.10
C GLY A 4 1.33 0.53 -3.94
N GLU A 5 1.49 1.69 -3.24
CA GLU A 5 0.64 2.04 -2.08
C GLU A 5 0.42 3.58 -2.07
N SER A 6 -0.70 4.03 -2.69
CA SER A 6 -1.06 5.47 -2.77
C SER A 6 -2.61 5.59 -2.75
N GLY A 7 -3.17 5.88 -1.57
CA GLY A 7 -4.64 6.05 -1.39
C GLY A 7 -5.07 5.61 0.02
N LYS A 8 -5.58 4.38 0.14
CA LYS A 8 -6.04 3.81 1.44
C LYS A 8 -4.83 3.10 2.12
N LEU A 9 -4.59 3.42 3.42
CA LEU A 9 -3.45 2.85 4.19
C LEU A 9 -3.79 1.45 4.81
N ILE A 10 -3.74 0.41 3.97
CA ILE A 10 -3.99 -1.01 4.37
C ILE A 10 -2.91 -1.88 3.61
N THR A 12 -0.77 -4.69 4.15
CA THR A 12 -0.38 -5.94 4.90
C THR A 12 0.76 -6.79 4.23
N THR A 13 0.82 -6.87 2.88
CA THR A 13 1.87 -7.63 2.15
C THR A 13 2.22 -6.90 0.82
N ALA A 14 3.52 -6.77 0.52
CA ALA A 14 4.01 -6.09 -0.70
C ALA A 14 3.93 -6.97 -1.98
N ILE A 2 7.09 -0.69 -4.60
CA ILE A 2 5.93 -0.68 -3.67
C ILE A 2 4.70 -1.32 -4.41
N TRP A 3 3.94 -2.16 -3.68
CA TRP A 3 2.74 -2.87 -4.24
C TRP A 3 1.53 -2.02 -4.76
N GLY A 4 1.16 -1.01 -3.98
CA GLY A 4 0.03 -0.10 -4.27
C GLY A 4 -0.38 0.60 -2.96
N GLU A 5 0.37 1.64 -2.50
CA GLU A 5 0.08 2.35 -1.23
C GLU A 5 0.19 3.87 -1.47
N SER A 6 -0.97 4.52 -1.71
CA SER A 6 -1.06 5.98 -1.96
C SER A 6 -2.43 6.47 -1.43
N GLY A 7 -2.44 7.05 -0.22
CA GLY A 7 -3.69 7.56 0.41
C GLY A 7 -4.29 6.59 1.45
N LYS A 8 -4.88 5.48 0.97
CA LYS A 8 -5.49 4.44 1.85
C LYS A 8 -4.41 3.64 2.63
N LEU A 9 -4.67 3.38 3.93
CA LEU A 9 -3.73 2.64 4.81
C LEU A 9 -3.85 1.08 4.61
N ILE A 10 -3.12 0.58 3.61
CA ILE A 10 -3.07 -0.86 3.23
C ILE A 10 -1.61 -1.13 2.77
N THR A 12 0.76 -3.92 3.34
CA THR A 12 1.17 -5.32 3.71
C THR A 12 2.58 -5.78 3.18
N THR A 13 2.97 -5.41 1.94
CA THR A 13 4.29 -5.79 1.36
C THR A 13 4.86 -4.57 0.57
N ALA A 14 5.34 -3.55 1.32
CA ALA A 14 5.89 -2.31 0.72
C ALA A 14 7.41 -2.43 0.47
N ILE A 2 6.54 1.60 -6.38
CA ILE A 2 5.98 1.30 -5.03
C ILE A 2 5.12 0.00 -5.15
N TRP A 3 5.17 -0.86 -4.11
CA TRP A 3 4.40 -2.14 -4.05
C TRP A 3 2.84 -2.07 -4.23
N GLY A 4 2.22 -1.11 -3.54
CA GLY A 4 0.77 -0.87 -3.55
C GLY A 4 0.33 -0.17 -2.25
N GLU A 5 0.83 1.06 -1.97
CA GLU A 5 0.48 1.83 -0.75
C GLU A 5 0.74 3.33 -1.05
N SER A 6 -0.29 4.01 -1.58
CA SER A 6 -0.22 5.45 -1.94
C SER A 6 -1.65 6.03 -1.84
N GLY A 7 -1.96 6.66 -0.69
CA GLY A 7 -3.30 7.26 -0.45
C GLY A 7 -4.19 6.41 0.48
N LYS A 8 -4.65 5.24 -0.01
CA LYS A 8 -5.50 4.30 0.78
C LYS A 8 -4.66 3.56 1.86
N LEU A 9 -5.20 3.47 3.09
CA LEU A 9 -4.52 2.80 4.24
C LEU A 9 -4.71 1.25 4.17
N ILE A 10 -3.84 0.59 3.39
CA ILE A 10 -3.83 -0.89 3.21
C ILE A 10 -2.33 -1.34 3.17
N THR A 12 -0.37 -4.01 4.65
CA THR A 12 -0.22 -5.34 5.33
C THR A 12 1.18 -6.01 5.14
N THR A 13 1.67 -6.17 3.90
CA THR A 13 3.00 -6.81 3.61
C THR A 13 3.58 -6.28 2.27
N ALA A 14 4.90 -6.02 2.24
CA ALA A 14 5.60 -5.52 1.03
C ALA A 14 5.93 -6.65 0.04
N ILE A 2 7.62 3.76 -5.35
CA ILE A 2 6.70 2.94 -4.50
C ILE A 2 6.16 1.75 -5.37
N TRP A 3 6.01 0.56 -4.75
CA TRP A 3 5.49 -0.66 -5.44
C TRP A 3 4.09 -0.56 -6.14
N GLY A 4 3.12 0.03 -5.45
CA GLY A 4 1.73 0.23 -5.93
C GLY A 4 0.71 0.33 -4.78
N GLU A 5 0.91 1.25 -3.82
CA GLU A 5 0.01 1.43 -2.65
C GLU A 5 0.27 2.85 -2.08
N SER A 6 -0.59 3.83 -2.43
CA SER A 6 -0.45 5.23 -1.97
C SER A 6 -1.88 5.83 -1.76
N GLY A 7 -2.30 5.93 -0.49
CA GLY A 7 -3.64 6.46 -0.13
C GLY A 7 -4.06 5.97 1.27
N LYS A 8 -4.82 4.86 1.30
CA LYS A 8 -5.29 4.25 2.56
C LYS A 8 -4.21 3.26 3.10
N LEU A 9 -3.92 3.32 4.41
CA LEU A 9 -2.89 2.47 5.06
C LEU A 9 -3.46 1.04 5.40
N ILE A 10 -3.48 0.17 4.38
CA ILE A 10 -3.97 -1.24 4.48
C ILE A 10 -3.05 -2.11 3.55
N THR A 12 -0.95 -5.33 3.86
CA THR A 12 -0.48 -6.58 4.54
C THR A 12 0.75 -7.31 3.88
N THR A 13 0.92 -7.24 2.55
CA THR A 13 2.05 -7.88 1.82
C THR A 13 2.54 -6.94 0.68
N ALA A 14 3.87 -6.84 0.49
CA ALA A 14 4.48 -5.98 -0.56
C ALA A 14 4.46 -6.65 -1.94
N ILE A 2 -4.86 -3.79 -4.86
CA ILE A 2 -4.05 -2.79 -4.10
C ILE A 2 -4.93 -2.21 -2.95
N TRP A 3 -4.30 -2.07 -1.78
CA TRP A 3 -4.96 -1.54 -0.54
C TRP A 3 -5.25 -0.01 -0.57
N GLY A 4 -4.22 0.81 -0.68
CA GLY A 4 -4.36 2.28 -0.70
C GLY A 4 -2.98 2.97 -0.87
N GLU A 5 -2.45 3.11 -2.10
CA GLU A 5 -1.13 3.78 -2.33
C GLU A 5 -1.30 5.32 -2.42
N SER A 6 -1.11 6.03 -1.29
CA SER A 6 -1.21 7.50 -1.23
C SER A 6 -0.46 7.99 0.05
N GLY A 7 0.85 8.27 -0.09
CA GLY A 7 1.68 8.73 1.05
C GLY A 7 2.29 7.58 1.88
N LYS A 8 1.45 6.92 2.69
CA LYS A 8 1.86 5.78 3.54
C LYS A 8 2.05 4.47 2.71
N LEU A 9 3.05 3.65 3.10
CA LEU A 9 3.37 2.37 2.41
C LEU A 9 2.37 1.25 2.84
N ILE A 10 1.32 1.06 2.03
CA ILE A 10 0.27 0.04 2.27
C ILE A 10 -0.31 -0.33 0.87
N THR A 12 0.58 -4.15 -1.03
CA THR A 12 0.37 -5.63 -1.16
C THR A 12 0.71 -6.29 0.21
N THR A 13 2.00 -6.51 0.54
CA THR A 13 2.43 -7.11 1.84
C THR A 13 2.69 -5.98 2.89
N ALA A 14 3.70 -5.12 2.69
CA ALA A 14 4.04 -4.02 3.63
C ALA A 14 3.27 -2.72 3.29
#